data_4E26
#
_entry.id   4E26
#
_cell.length_a   94.277
_cell.length_b   94.277
_cell.length_c   163.472
_cell.angle_alpha   90.00
_cell.angle_beta   90.00
_cell.angle_gamma   90.00
#
_symmetry.space_group_name_H-M   'P 41 21 2'
#
loop_
_entity.id
_entity.type
_entity.pdbx_description
1 polymer 'Serine/threonine-protein kinase B-raf'
2 non-polymer 5-chloro-7-[(R)-furan-2-yl(pyridin-2-ylamino)methyl]quinolin-8-ol
3 water water
#
_entity_poly.entity_id   1
_entity_poly.type   'polypeptide(L)'
_entity_poly.pdbx_seq_one_letter_code
;MDRGSHHHHHHGSEDRNRMKTLGRRDSSDDWEIPDGQITVGQRIGSGSFGTVYKGKWHGDVAVKMLNVTAPTPQQLQAFK
NEVGVLRKTRHVNILLFMGYSTKPQLAIVTQWCEGSSLYHHLHIIETKFEMIKLIDIARQTAQGMDYLHAKSIIHRDLKS
NNIFLHEDLTVKIGDFGLATVKSRWSGSHQFEQLSGSILWMAPEVIRMQDKNPYSFQSDVYAFGIVLYELMTGQLPYSNI
NNRDQIIFMVGRGYLSPDLSKVRSNCPKAMKRLMAECLKKKRDERPLFPQILASIELLARSLPKIHR
;
_entity_poly.pdbx_strand_id   A,B
#
# COMPACT_ATOMS: atom_id res chain seq x y z
N ASP A 29 -10.33 13.78 -11.42
CA ASP A 29 -11.01 12.76 -10.57
C ASP A 29 -10.53 12.81 -9.13
N ASP A 30 -11.15 13.69 -8.34
CA ASP A 30 -10.82 13.90 -6.95
C ASP A 30 -10.81 12.59 -6.17
N TRP A 31 -10.55 12.69 -4.87
CA TRP A 31 -10.53 11.53 -4.01
C TRP A 31 -11.77 11.54 -3.14
N GLU A 32 -12.73 12.39 -3.50
CA GLU A 32 -13.98 12.49 -2.76
C GLU A 32 -14.85 11.26 -3.06
N ILE A 33 -15.04 10.42 -2.05
CA ILE A 33 -15.83 9.20 -2.20
C ILE A 33 -17.26 9.58 -2.53
N PRO A 34 -17.88 8.92 -3.52
CA PRO A 34 -19.27 9.25 -3.85
C PRO A 34 -20.12 8.98 -2.62
N ASP A 35 -21.09 9.85 -2.37
CA ASP A 35 -21.97 9.74 -1.21
C ASP A 35 -22.71 8.43 -0.98
N GLY A 36 -22.84 8.05 0.28
CA GLY A 36 -23.54 6.84 0.66
C GLY A 36 -22.90 5.53 0.24
N GLN A 37 -21.58 5.46 0.23
CA GLN A 37 -20.92 4.21 -0.14
C GLN A 37 -20.15 3.63 1.03
N ILE A 38 -19.75 4.51 1.93
CA ILE A 38 -18.98 4.11 3.10
C ILE A 38 -19.86 3.61 4.24
N THR A 39 -19.55 2.43 4.74
CA THR A 39 -20.28 1.83 5.84
C THR A 39 -19.34 1.79 7.04
N VAL A 40 -19.86 2.03 8.23
CA VAL A 40 -19.01 2.01 9.42
C VAL A 40 -19.47 0.98 10.46
N GLY A 41 -18.51 0.39 11.17
CA GLY A 41 -18.85 -0.61 12.17
C GLY A 41 -18.16 -0.39 13.50
N GLN A 42 -17.50 -1.42 14.01
CA GLN A 42 -16.81 -1.32 15.30
C GLN A 42 -16.17 0.05 15.51
N ARG A 43 -16.32 0.60 16.70
CA ARG A 43 -15.77 1.90 17.05
C ARG A 43 -14.38 1.73 17.66
N ILE A 44 -13.42 1.36 16.82
CA ILE A 44 -12.04 1.14 17.23
C ILE A 44 -11.45 2.19 18.18
N GLY A 45 -12.01 3.40 18.19
CA GLY A 45 -11.47 4.40 19.10
C GLY A 45 -12.03 5.82 19.00
N SER A 46 -11.46 6.71 19.80
CA SER A 46 -11.87 8.12 19.84
C SER A 46 -10.68 9.03 19.57
N GLY A 47 -10.76 10.25 20.10
CA GLY A 47 -9.69 11.22 19.91
C GLY A 47 -10.19 12.64 19.77
N SER A 48 -9.27 13.60 19.88
CA SER A 48 -9.63 15.02 19.76
C SER A 48 -9.99 15.36 18.32
N PHE A 49 -9.31 14.70 17.38
CA PHE A 49 -9.56 14.92 15.96
C PHE A 49 -10.46 13.86 15.32
N GLY A 50 -11.49 13.45 16.06
CA GLY A 50 -12.42 12.45 15.56
C GLY A 50 -12.20 11.04 16.06
N THR A 51 -13.23 10.20 15.92
CA THR A 51 -13.15 8.80 16.35
C THR A 51 -12.96 7.87 15.16
N VAL A 52 -12.22 6.79 15.37
CA VAL A 52 -11.94 5.82 14.34
C VAL A 52 -12.90 4.63 14.35
N TYR A 53 -13.08 4.02 13.18
CA TYR A 53 -13.96 2.87 13.02
C TYR A 53 -13.33 1.83 12.12
N LYS A 54 -14.03 0.72 11.92
CA LYS A 54 -13.56 -0.34 11.03
C LYS A 54 -14.68 -0.57 10.04
N GLY A 55 -14.84 0.37 9.12
CA GLY A 55 -15.90 0.25 8.14
C GLY A 55 -15.55 -0.53 6.91
N LYS A 56 -16.30 -0.29 5.84
CA LYS A 56 -16.07 -0.97 4.59
C LYS A 56 -16.31 -0.05 3.40
N TRP A 57 -15.45 -0.21 2.39
CA TRP A 57 -15.52 0.55 1.13
C TRP A 57 -14.58 -0.16 0.19
N HIS A 58 -15.12 -1.08 -0.60
CA HIS A 58 -14.31 -1.87 -1.52
C HIS A 58 -13.30 -2.63 -0.68
N GLY A 59 -13.81 -3.44 0.25
CA GLY A 59 -12.96 -4.19 1.13
C GLY A 59 -12.93 -3.45 2.44
N ASP A 60 -12.26 -4.01 3.44
CA ASP A 60 -12.16 -3.36 4.74
C ASP A 60 -11.33 -2.08 4.69
N VAL A 61 -11.69 -1.13 5.55
CA VAL A 61 -11.00 0.15 5.63
C VAL A 61 -11.14 0.72 7.03
N ALA A 62 -10.35 1.74 7.31
CA ALA A 62 -10.40 2.43 8.60
C ALA A 62 -11.03 3.79 8.29
N VAL A 63 -12.12 4.10 8.97
CA VAL A 63 -12.81 5.37 8.73
C VAL A 63 -12.68 6.27 9.94
N LYS A 64 -12.18 7.48 9.71
CA LYS A 64 -12.02 8.45 10.79
C LYS A 64 -13.10 9.50 10.55
N MET A 65 -14.09 9.56 11.44
CA MET A 65 -15.18 10.52 11.30
C MET A 65 -15.21 11.63 12.34
N LEU A 66 -16.27 12.41 12.28
CA LEU A 66 -16.51 13.51 13.21
C LEU A 66 -17.93 13.35 13.72
N ASN A 67 -18.03 12.95 14.99
CA ASN A 67 -19.30 12.74 15.67
C ASN A 67 -20.26 13.93 15.64
N VAL A 68 -19.73 15.13 15.86
CA VAL A 68 -20.51 16.36 15.88
C VAL A 68 -21.57 16.46 14.79
N THR A 69 -22.64 17.20 15.09
CA THR A 69 -23.74 17.40 14.15
C THR A 69 -23.41 18.51 13.16
N ALA A 70 -22.57 19.45 13.58
CA ALA A 70 -22.15 20.56 12.73
C ALA A 70 -20.69 20.89 13.04
N PRO A 71 -19.77 20.60 12.11
CA PRO A 71 -18.35 20.87 12.30
C PRO A 71 -18.05 22.35 12.56
N THR A 72 -17.21 22.60 13.57
CA THR A 72 -16.82 23.97 13.88
C THR A 72 -15.86 24.40 12.78
N PRO A 73 -15.57 25.71 12.68
CA PRO A 73 -14.65 26.19 11.64
C PRO A 73 -13.23 25.63 11.73
N GLN A 74 -12.74 25.41 12.94
CA GLN A 74 -11.40 24.87 13.10
C GLN A 74 -11.34 23.39 12.73
N GLN A 75 -12.42 22.66 13.01
CA GLN A 75 -12.48 21.23 12.69
C GLN A 75 -12.48 21.04 11.18
N LEU A 76 -13.30 21.82 10.50
CA LEU A 76 -13.36 21.74 9.05
C LEU A 76 -11.96 21.96 8.51
N GLN A 77 -11.19 22.77 9.22
CA GLN A 77 -9.83 23.11 8.82
C GLN A 77 -8.87 21.94 9.07
N ALA A 78 -8.96 21.34 10.26
CA ALA A 78 -8.11 20.21 10.60
C ALA A 78 -8.37 19.10 9.58
N PHE A 79 -9.64 18.96 9.21
CA PHE A 79 -10.04 17.96 8.24
C PHE A 79 -9.34 18.23 6.92
N LYS A 80 -9.55 19.43 6.40
CA LYS A 80 -8.95 19.78 5.13
C LYS A 80 -7.44 19.62 5.15
N ASN A 81 -6.79 20.13 6.18
CA ASN A 81 -5.34 20.04 6.29
C ASN A 81 -4.81 18.60 6.21
N GLU A 82 -5.48 17.68 6.89
CA GLU A 82 -5.04 16.29 6.88
C GLU A 82 -5.20 15.69 5.48
N VAL A 83 -6.36 15.91 4.88
CA VAL A 83 -6.60 15.41 3.54
C VAL A 83 -5.58 16.00 2.60
N GLY A 84 -5.28 17.28 2.75
CA GLY A 84 -4.30 17.93 1.89
C GLY A 84 -2.93 17.28 1.97
N VAL A 85 -2.54 16.89 3.18
CA VAL A 85 -1.26 16.25 3.41
C VAL A 85 -1.32 14.78 2.97
N LEU A 86 -2.38 14.08 3.39
CA LEU A 86 -2.53 12.67 3.06
C LEU A 86 -2.54 12.38 1.57
N ARG A 87 -3.24 13.20 0.80
CA ARG A 87 -3.31 12.98 -0.64
C ARG A 87 -1.98 13.18 -1.35
N LYS A 88 -0.99 13.70 -0.64
CA LYS A 88 0.30 13.90 -1.26
C LYS A 88 1.21 12.71 -1.06
N THR A 89 0.71 11.68 -0.37
CA THR A 89 1.52 10.51 -0.10
C THR A 89 1.16 9.23 -0.83
N ARG A 90 2.20 8.54 -1.31
CA ARG A 90 2.08 7.27 -2.03
C ARG A 90 3.38 6.50 -1.80
N HIS A 91 3.46 5.84 -0.65
CA HIS A 91 4.66 5.10 -0.28
C HIS A 91 4.30 3.92 0.59
N VAL A 92 4.93 2.79 0.30
CA VAL A 92 4.64 1.57 1.02
C VAL A 92 4.75 1.65 2.55
N ASN A 93 5.54 2.59 3.06
CA ASN A 93 5.64 2.71 4.52
C ASN A 93 4.77 3.82 5.11
N ILE A 94 3.81 4.29 4.32
CA ILE A 94 2.87 5.31 4.76
C ILE A 94 1.47 4.72 4.66
N LEU A 95 0.72 4.74 5.76
CA LEU A 95 -0.64 4.22 5.76
C LEU A 95 -1.33 4.78 4.51
N LEU A 96 -1.94 3.90 3.72
CA LEU A 96 -2.58 4.30 2.48
C LEU A 96 -3.89 5.08 2.56
N PHE A 97 -3.85 6.32 2.11
CA PHE A 97 -5.02 7.17 2.10
C PHE A 97 -5.84 6.75 0.87
N MET A 98 -7.14 6.55 1.06
CA MET A 98 -7.98 6.11 -0.05
C MET A 98 -9.01 7.15 -0.46
N GLY A 99 -9.48 7.94 0.49
CA GLY A 99 -10.47 8.95 0.17
C GLY A 99 -11.09 9.62 1.37
N TYR A 100 -11.97 10.57 1.09
CA TYR A 100 -12.66 11.31 2.14
C TYR A 100 -14.10 11.55 1.72
N SER A 101 -14.92 11.90 2.69
CA SER A 101 -16.33 12.18 2.43
C SER A 101 -16.73 13.35 3.31
N THR A 102 -17.59 14.23 2.79
CA THR A 102 -18.04 15.37 3.57
C THR A 102 -19.56 15.38 3.69
N LYS A 103 -20.23 15.05 2.58
CA LYS A 103 -21.69 15.06 2.51
C LYS A 103 -22.39 14.40 3.72
N PRO A 104 -22.22 13.09 3.91
CA PRO A 104 -22.90 12.52 5.08
C PRO A 104 -22.31 13.14 6.34
N GLN A 105 -20.99 13.08 6.45
CA GLN A 105 -20.21 13.62 7.56
C GLN A 105 -18.74 13.68 7.12
N LEU A 106 -17.91 14.43 7.83
CA LEU A 106 -16.50 14.50 7.46
C LEU A 106 -15.86 13.15 7.78
N ALA A 107 -15.25 12.53 6.77
CA ALA A 107 -14.62 11.23 6.98
C ALA A 107 -13.36 11.01 6.16
N ILE A 108 -12.36 10.42 6.80
CA ILE A 108 -11.12 10.12 6.10
C ILE A 108 -11.04 8.60 6.06
N VAL A 109 -10.92 8.05 4.86
CA VAL A 109 -10.83 6.61 4.70
C VAL A 109 -9.43 6.17 4.33
N THR A 110 -8.86 5.26 5.12
CA THR A 110 -7.52 4.72 4.87
C THR A 110 -7.58 3.19 4.85
N GLN A 111 -6.54 2.56 4.31
CA GLN A 111 -6.50 1.10 4.27
C GLN A 111 -6.61 0.58 5.70
N TRP A 112 -7.14 -0.62 5.87
CA TRP A 112 -7.27 -1.22 7.20
C TRP A 112 -6.07 -2.11 7.46
N CYS A 113 -5.27 -1.74 8.46
CA CYS A 113 -4.10 -2.52 8.80
C CYS A 113 -4.41 -3.81 9.54
N GLU A 114 -3.73 -4.87 9.14
CA GLU A 114 -3.93 -6.16 9.77
C GLU A 114 -2.80 -6.33 10.80
N GLY A 115 -3.16 -6.44 12.07
CA GLY A 115 -2.16 -6.62 13.10
C GLY A 115 -2.20 -5.58 14.21
N SER A 116 -1.04 -5.23 14.77
CA SER A 116 -1.01 -4.24 15.83
C SER A 116 0.03 -3.17 15.58
N SER A 117 0.00 -2.15 16.44
CA SER A 117 0.95 -1.07 16.36
C SER A 117 2.24 -1.52 17.06
N LEU A 118 3.35 -0.87 16.72
CA LEU A 118 4.64 -1.21 17.31
C LEU A 118 4.55 -1.05 18.82
N TYR A 119 3.73 -0.10 19.27
CA TYR A 119 3.55 0.16 20.68
C TYR A 119 2.97 -1.08 21.36
N HIS A 120 1.89 -1.61 20.79
CA HIS A 120 1.23 -2.80 21.31
C HIS A 120 2.17 -4.01 21.32
N HIS A 121 2.93 -4.20 20.25
CA HIS A 121 3.87 -5.32 20.17
C HIS A 121 4.94 -5.17 21.22
N LEU A 122 5.52 -3.99 21.30
CA LEU A 122 6.59 -3.74 22.24
C LEU A 122 6.24 -3.68 23.72
N HIS A 123 5.23 -2.91 24.08
CA HIS A 123 4.90 -2.75 25.49
C HIS A 123 3.68 -3.43 26.08
N ILE A 124 2.70 -3.80 25.26
CA ILE A 124 1.49 -4.44 25.77
C ILE A 124 1.46 -5.98 25.74
N ILE A 125 2.20 -6.59 24.82
CA ILE A 125 2.23 -8.05 24.75
C ILE A 125 3.67 -8.54 24.68
N GLU A 126 4.61 -7.60 24.77
CA GLU A 126 6.04 -7.92 24.74
C GLU A 126 6.43 -8.94 23.67
N THR A 127 6.32 -8.56 22.39
CA THR A 127 6.69 -9.46 21.30
C THR A 127 8.20 -9.55 21.24
N LYS A 128 8.70 -10.77 21.12
CA LYS A 128 10.14 -10.99 21.05
C LYS A 128 10.67 -10.93 19.63
N PHE A 129 10.89 -9.73 19.13
CA PHE A 129 11.41 -9.55 17.79
C PHE A 129 12.89 -9.85 17.81
N GLU A 130 13.43 -10.29 16.68
CA GLU A 130 14.86 -10.56 16.60
C GLU A 130 15.52 -9.26 16.22
N MET A 131 16.77 -9.10 16.59
CA MET A 131 17.49 -7.88 16.28
C MET A 131 17.44 -7.57 14.79
N ILE A 132 17.47 -8.60 13.95
CA ILE A 132 17.44 -8.40 12.52
C ILE A 132 16.12 -7.74 12.13
N LYS A 133 15.06 -8.15 12.82
CA LYS A 133 13.73 -7.62 12.57
C LYS A 133 13.63 -6.20 13.12
N LEU A 134 14.12 -5.99 14.34
CA LEU A 134 14.07 -4.66 14.95
C LEU A 134 14.79 -3.65 14.06
N ILE A 135 15.95 -4.04 13.52
CA ILE A 135 16.70 -3.16 12.67
C ILE A 135 15.84 -2.88 11.44
N ASP A 136 15.12 -3.90 10.99
CA ASP A 136 14.28 -3.78 9.81
C ASP A 136 13.12 -2.80 10.02
N ILE A 137 12.47 -2.88 11.18
CA ILE A 137 11.36 -2.00 11.53
C ILE A 137 11.90 -0.58 11.61
N ALA A 138 13.12 -0.46 12.13
CA ALA A 138 13.78 0.83 12.23
C ALA A 138 14.05 1.37 10.85
N ARG A 139 14.42 0.50 9.91
CA ARG A 139 14.73 0.92 8.55
C ARG A 139 13.53 1.40 7.78
N GLN A 140 12.45 0.63 7.86
CA GLN A 140 11.23 0.97 7.14
C GLN A 140 10.65 2.28 7.66
N THR A 141 10.63 2.46 8.98
CA THR A 141 10.11 3.68 9.55
C THR A 141 10.91 4.87 9.00
N ALA A 142 12.22 4.74 9.02
CA ALA A 142 13.08 5.79 8.50
C ALA A 142 12.79 6.01 7.02
N GLN A 143 12.57 4.93 6.29
CA GLN A 143 12.29 5.03 4.87
C GLN A 143 11.05 5.91 4.69
N GLY A 144 10.02 5.65 5.49
CA GLY A 144 8.80 6.42 5.41
C GLY A 144 8.99 7.89 5.76
N MET A 145 9.72 8.14 6.84
CA MET A 145 9.99 9.50 7.27
C MET A 145 10.77 10.23 6.20
N ASP A 146 11.73 9.53 5.61
CA ASP A 146 12.57 10.06 4.53
C ASP A 146 11.67 10.57 3.41
N TYR A 147 10.63 9.79 3.11
CA TYR A 147 9.68 10.12 2.05
C TYR A 147 8.86 11.36 2.42
N LEU A 148 8.34 11.41 3.65
CA LEU A 148 7.55 12.56 4.05
C LEU A 148 8.38 13.84 3.95
N HIS A 149 9.58 13.82 4.52
CA HIS A 149 10.43 15.01 4.51
C HIS A 149 10.89 15.49 3.14
N ALA A 150 10.99 14.58 2.18
CA ALA A 150 11.42 14.97 0.85
C ALA A 150 10.33 15.81 0.20
N LYS A 151 9.10 15.63 0.69
CA LYS A 151 7.94 16.38 0.19
C LYS A 151 7.59 17.53 1.13
N SER A 152 8.50 17.84 2.05
CA SER A 152 8.29 18.92 3.00
C SER A 152 7.16 18.70 3.98
N ILE A 153 6.94 17.44 4.36
CA ILE A 153 5.87 17.16 5.31
C ILE A 153 6.52 16.85 6.66
N ILE A 154 6.03 17.50 7.70
CA ILE A 154 6.55 17.27 9.03
C ILE A 154 5.41 16.59 9.75
N HIS A 155 5.68 15.40 10.27
CA HIS A 155 4.66 14.61 10.94
C HIS A 155 4.19 15.21 12.24
N ARG A 156 5.13 15.56 13.11
CA ARG A 156 4.83 16.19 14.40
C ARG A 156 4.20 15.30 15.48
N ASP A 157 4.00 14.02 15.21
CA ASP A 157 3.42 13.17 16.23
C ASP A 157 3.84 11.70 16.02
N LEU A 158 5.09 11.53 15.59
CA LEU A 158 5.62 10.21 15.36
C LEU A 158 5.86 9.56 16.71
N LYS A 159 5.31 8.37 16.87
CA LYS A 159 5.46 7.58 18.08
C LYS A 159 5.08 6.14 17.74
N SER A 160 5.50 5.20 18.59
CA SER A 160 5.23 3.78 18.35
C SER A 160 3.75 3.44 18.22
N ASN A 161 2.90 4.26 18.79
CA ASN A 161 1.45 4.06 18.72
C ASN A 161 0.95 4.25 17.30
N ASN A 162 1.59 5.14 16.56
CA ASN A 162 1.18 5.43 15.19
C ASN A 162 2.01 4.72 14.15
N ILE A 163 2.73 3.69 14.56
CA ILE A 163 3.54 2.90 13.63
C ILE A 163 2.93 1.51 13.59
N PHE A 164 2.17 1.23 12.55
CA PHE A 164 1.52 -0.05 12.43
C PHE A 164 2.39 -1.06 11.73
N LEU A 165 2.40 -2.26 12.29
CA LEU A 165 3.17 -3.36 11.75
C LEU A 165 2.20 -4.21 10.94
N HIS A 166 1.98 -3.79 9.71
CA HIS A 166 1.05 -4.47 8.81
C HIS A 166 1.48 -5.88 8.48
N GLU A 167 0.60 -6.83 8.79
CA GLU A 167 0.86 -8.23 8.54
C GLU A 167 2.15 -8.68 9.27
N ASP A 168 2.57 -7.90 10.25
CA ASP A 168 3.78 -8.18 11.03
C ASP A 168 5.02 -8.11 10.14
N LEU A 169 4.88 -7.46 8.99
CA LEU A 169 5.99 -7.34 8.05
C LEU A 169 6.25 -5.91 7.62
N THR A 170 5.20 -5.24 7.18
CA THR A 170 5.32 -3.89 6.69
C THR A 170 4.98 -2.77 7.66
N VAL A 171 5.91 -1.85 7.85
CA VAL A 171 5.70 -0.70 8.73
C VAL A 171 4.85 0.32 8.00
N LYS A 172 3.81 0.81 8.66
CA LYS A 172 2.91 1.80 8.07
C LYS A 172 2.83 2.96 9.05
N ILE A 173 3.34 4.12 8.67
CA ILE A 173 3.30 5.28 9.54
C ILE A 173 1.93 5.92 9.39
N GLY A 174 1.23 6.09 10.51
CA GLY A 174 -0.09 6.69 10.42
C GLY A 174 -0.34 7.93 11.24
N ASP A 175 -1.61 8.15 11.53
CA ASP A 175 -2.10 9.28 12.31
C ASP A 175 -1.47 10.60 11.88
N PHE A 176 -2.02 11.20 10.83
CA PHE A 176 -1.53 12.47 10.30
C PHE A 176 -2.35 13.70 10.74
N GLY A 177 -2.98 13.63 11.91
CA GLY A 177 -3.78 14.75 12.41
C GLY A 177 -3.05 16.05 12.74
N LEU A 178 -1.76 15.97 13.03
CA LEU A 178 -1.00 17.18 13.34
C LEU A 178 0.04 17.47 12.26
N ALA A 179 0.10 16.63 11.23
CA ALA A 179 1.06 16.81 10.17
C ALA A 179 0.85 18.15 9.46
N THR A 180 1.89 18.62 8.77
CA THR A 180 1.81 19.89 8.07
C THR A 180 2.93 20.03 7.05
N VAL A 181 2.64 20.67 5.94
CA VAL A 181 3.63 20.92 4.90
C VAL A 181 4.31 22.24 5.25
N LYS A 182 5.64 22.21 5.38
CA LYS A 182 6.40 23.43 5.72
C LYS A 182 5.99 24.60 4.85
N SER A 183 5.80 25.75 5.48
CA SER A 183 5.38 27.00 4.84
C SER A 183 3.94 26.93 4.39
N ARG A 184 3.04 26.53 5.29
CA ARG A 184 1.63 26.40 4.98
C ARG A 184 0.79 26.52 6.24
N PHE A 191 -2.96 26.36 14.50
CA PHE A 191 -2.77 25.25 15.41
C PHE A 191 -2.29 25.71 16.80
N GLU A 192 -2.24 24.76 17.73
CA GLU A 192 -1.81 24.98 19.11
C GLU A 192 -2.16 23.66 19.81
N GLN A 193 -2.37 22.64 18.99
CA GLN A 193 -2.77 21.32 19.46
C GLN A 193 -1.68 20.40 20.05
N LEU A 194 -2.16 19.25 20.52
CA LEU A 194 -1.37 18.17 21.13
C LEU A 194 -0.86 18.43 22.54
N SER A 195 -1.05 17.43 23.37
CA SER A 195 -0.64 17.41 24.77
C SER A 195 -1.13 16.09 25.32
N GLY A 196 -0.49 15.01 24.88
CA GLY A 196 -0.86 13.69 25.34
C GLY A 196 0.35 12.79 25.31
N SER A 197 1.06 12.81 24.19
CA SER A 197 2.24 11.98 23.97
C SER A 197 3.56 12.75 24.13
N ILE A 198 3.95 13.01 25.38
CA ILE A 198 5.20 13.75 25.63
C ILE A 198 6.49 12.95 25.58
N LEU A 199 6.42 11.62 25.67
CA LEU A 199 7.62 10.80 25.64
C LEU A 199 8.43 11.00 24.37
N TRP A 200 7.75 11.35 23.28
CA TRP A 200 8.40 11.54 21.98
C TRP A 200 8.68 12.99 21.60
N MET A 201 8.43 13.91 22.52
CA MET A 201 8.65 15.34 22.22
C MET A 201 10.05 15.82 22.50
N ALA A 202 10.64 16.48 21.51
CA ALA A 202 11.98 17.01 21.65
C ALA A 202 11.92 18.17 22.63
N PRO A 203 13.03 18.43 23.34
CA PRO A 203 13.10 19.52 24.32
C PRO A 203 12.62 20.85 23.75
N GLU A 204 13.05 21.18 22.54
CA GLU A 204 12.66 22.46 21.96
C GLU A 204 11.17 22.54 21.69
N VAL A 205 10.52 21.39 21.55
CA VAL A 205 9.08 21.35 21.31
C VAL A 205 8.35 21.58 22.63
N ILE A 206 8.95 21.11 23.72
CA ILE A 206 8.35 21.28 25.03
C ILE A 206 8.46 22.73 25.51
N ARG A 207 9.60 23.36 25.25
CA ARG A 207 9.83 24.76 25.65
C ARG A 207 9.03 25.75 24.82
N MET A 208 8.78 25.43 23.56
CA MET A 208 8.03 26.31 22.67
C MET A 208 8.64 27.70 22.61
N GLN A 209 9.95 27.79 22.80
CA GLN A 209 10.63 29.07 22.73
C GLN A 209 10.85 29.46 21.28
N ASP A 210 11.81 28.79 20.63
CA ASP A 210 12.15 29.04 19.24
C ASP A 210 10.95 29.33 18.33
N LYS A 211 11.25 29.94 17.18
CA LYS A 211 10.21 30.20 16.19
C LYS A 211 10.24 28.88 15.41
N ASN A 212 9.08 28.29 15.19
CA ASN A 212 9.05 27.01 14.50
C ASN A 212 9.67 25.95 15.41
N PRO A 213 8.97 25.59 16.49
CA PRO A 213 9.51 24.58 17.40
C PRO A 213 9.63 23.26 16.65
N TYR A 214 8.71 23.04 15.71
CA TYR A 214 8.67 21.82 14.92
C TYR A 214 9.54 21.91 13.67
N SER A 215 10.23 20.82 13.36
CA SER A 215 11.10 20.78 12.20
C SER A 215 11.37 19.33 11.84
N PHE A 216 12.14 19.11 10.78
CA PHE A 216 12.48 17.75 10.41
C PHE A 216 13.23 17.16 11.60
N GLN A 217 13.94 18.04 12.32
CA GLN A 217 14.69 17.62 13.48
C GLN A 217 13.84 17.14 14.65
N SER A 218 12.70 17.76 14.91
CA SER A 218 11.89 17.27 16.01
C SER A 218 11.33 15.90 15.62
N ASP A 219 11.05 15.69 14.33
CA ASP A 219 10.56 14.38 13.89
C ASP A 219 11.68 13.37 14.16
N VAL A 220 12.92 13.75 13.84
CA VAL A 220 14.05 12.88 14.07
C VAL A 220 14.23 12.50 15.55
N TYR A 221 13.86 13.41 16.44
CA TYR A 221 13.98 13.13 17.86
C TYR A 221 12.96 12.05 18.23
N ALA A 222 11.75 12.20 17.72
CA ALA A 222 10.71 11.23 17.99
C ALA A 222 11.16 9.86 17.47
N PHE A 223 11.83 9.86 16.32
CA PHE A 223 12.34 8.65 15.70
C PHE A 223 13.36 8.04 16.66
N GLY A 224 14.12 8.92 17.28
CA GLY A 224 15.12 8.51 18.22
C GLY A 224 14.49 7.79 19.39
N ILE A 225 13.38 8.30 19.91
CA ILE A 225 12.73 7.64 21.04
C ILE A 225 12.19 6.28 20.60
N VAL A 226 11.76 6.19 19.34
CA VAL A 226 11.27 4.92 18.81
C VAL A 226 12.46 3.94 18.69
N LEU A 227 13.61 4.41 18.23
CA LEU A 227 14.76 3.50 18.14
C LEU A 227 15.06 3.01 19.54
N TYR A 228 14.86 3.91 20.50
CA TYR A 228 15.08 3.62 21.90
C TYR A 228 14.13 2.51 22.34
N GLU A 229 12.87 2.66 21.97
CA GLU A 229 11.87 1.69 22.31
C GLU A 229 12.19 0.34 21.69
N LEU A 230 12.67 0.35 20.45
CA LEU A 230 12.98 -0.88 19.75
C LEU A 230 14.13 -1.63 20.40
N MET A 231 15.18 -0.91 20.75
CA MET A 231 16.36 -1.53 21.33
C MET A 231 16.26 -1.91 22.80
N THR A 232 15.41 -1.23 23.57
CA THR A 232 15.29 -1.55 24.99
C THR A 232 14.03 -2.33 25.30
N GLY A 233 13.02 -2.16 24.46
CA GLY A 233 11.76 -2.86 24.66
C GLY A 233 10.93 -2.14 25.71
N GLN A 234 11.41 -0.99 26.15
CA GLN A 234 10.70 -0.23 27.16
C GLN A 234 10.48 1.22 26.76
N LEU A 235 9.56 1.89 27.45
CA LEU A 235 9.28 3.30 27.20
C LEU A 235 10.28 4.09 28.04
N PRO A 236 10.66 5.30 27.60
CA PRO A 236 11.61 6.12 28.36
C PRO A 236 10.98 6.63 29.67
N TYR A 237 11.82 6.89 30.66
CA TYR A 237 11.40 7.43 31.96
C TYR A 237 10.36 6.60 32.69
N SER A 238 10.41 5.28 32.51
CA SER A 238 9.46 4.37 33.15
C SER A 238 9.46 4.44 34.67
N ASN A 239 10.57 4.91 35.26
CA ASN A 239 10.65 5.00 36.71
C ASN A 239 10.19 6.34 37.30
N ILE A 240 9.76 7.25 36.44
CA ILE A 240 9.24 8.52 36.92
C ILE A 240 7.75 8.45 36.60
N ASN A 241 6.91 8.82 37.55
CA ASN A 241 5.46 8.73 37.33
C ASN A 241 4.70 10.06 37.35
N ASN A 242 5.42 11.16 37.19
CA ASN A 242 4.77 12.47 37.21
C ASN A 242 4.92 13.16 35.87
N ARG A 243 3.85 13.13 35.10
CA ARG A 243 3.83 13.74 33.77
C ARG A 243 4.46 15.14 33.73
N ASP A 244 4.06 16.01 34.64
CA ASP A 244 4.59 17.37 34.66
C ASP A 244 6.08 17.44 34.89
N GLN A 245 6.57 16.68 35.86
CA GLN A 245 8.01 16.70 36.12
C GLN A 245 8.79 16.22 34.89
N ILE A 246 8.26 15.22 34.18
CA ILE A 246 8.93 14.71 32.99
C ILE A 246 8.98 15.79 31.91
N ILE A 247 7.86 16.50 31.74
CA ILE A 247 7.79 17.56 30.75
C ILE A 247 8.83 18.64 31.04
N PHE A 248 8.79 19.14 32.26
CA PHE A 248 9.72 20.17 32.69
C PHE A 248 11.18 19.74 32.51
N MET A 249 11.52 18.59 33.09
CA MET A 249 12.89 18.09 33.03
C MET A 249 13.45 17.85 31.64
N VAL A 250 12.71 17.16 30.77
CA VAL A 250 13.25 16.93 29.42
C VAL A 250 13.43 18.28 28.74
N GLY A 251 12.50 19.20 29.00
CA GLY A 251 12.58 20.52 28.43
C GLY A 251 13.79 21.29 28.92
N ARG A 252 14.04 21.28 30.22
CA ARG A 252 15.19 22.00 30.78
C ARG A 252 16.49 21.26 30.51
N GLY A 253 16.41 20.01 30.02
CA GLY A 253 17.60 19.24 29.72
C GLY A 253 18.18 18.53 30.93
N TYR A 254 17.41 18.41 32.00
CA TYR A 254 17.87 17.74 33.20
C TYR A 254 17.72 16.24 33.07
N LEU A 255 16.77 15.82 32.25
CA LEU A 255 16.45 14.41 32.06
C LEU A 255 16.58 14.01 30.59
N SER A 256 16.99 12.77 30.37
CA SER A 256 17.14 12.25 29.02
C SER A 256 17.10 10.73 29.10
N PRO A 257 16.78 10.07 27.97
CA PRO A 257 16.68 8.60 27.87
C PRO A 257 17.95 7.89 28.34
N ASP A 258 17.78 6.93 29.26
CA ASP A 258 18.90 6.16 29.79
C ASP A 258 19.33 5.11 28.76
N LEU A 259 20.40 5.43 28.03
CA LEU A 259 20.92 4.56 26.97
C LEU A 259 21.69 3.33 27.41
N SER A 260 21.98 3.22 28.70
CA SER A 260 22.72 2.06 29.19
C SER A 260 21.82 0.82 29.18
N LYS A 261 20.52 1.05 29.00
CA LYS A 261 19.55 -0.05 28.98
C LYS A 261 19.43 -0.77 27.65
N VAL A 262 19.97 -0.18 26.57
CA VAL A 262 19.87 -0.82 25.27
C VAL A 262 20.41 -2.25 25.28
N ARG A 263 19.65 -3.16 24.65
CA ARG A 263 20.03 -4.57 24.53
C ARG A 263 21.54 -4.68 24.25
N SER A 264 22.14 -5.78 24.71
CA SER A 264 23.56 -6.05 24.53
C SER A 264 23.90 -6.48 23.10
N ASN A 265 22.94 -7.12 22.44
CA ASN A 265 23.11 -7.58 21.06
C ASN A 265 22.77 -6.46 20.07
N CYS A 266 22.62 -5.24 20.59
CA CYS A 266 22.32 -4.08 19.78
C CYS A 266 23.63 -3.53 19.21
N PRO A 267 23.76 -3.51 17.88
CA PRO A 267 24.95 -3.02 17.18
C PRO A 267 25.43 -1.67 17.72
N LYS A 268 26.74 -1.47 17.77
CA LYS A 268 27.30 -0.23 18.29
C LYS A 268 26.84 0.95 17.43
N ALA A 269 26.93 0.81 16.12
CA ALA A 269 26.55 1.89 15.22
C ALA A 269 25.12 2.33 15.45
N MET A 270 24.26 1.41 15.89
CA MET A 270 22.86 1.72 16.15
C MET A 270 22.73 2.55 17.42
N LYS A 271 23.38 2.11 18.48
CA LYS A 271 23.33 2.83 19.75
C LYS A 271 23.90 4.23 19.55
N ARG A 272 24.78 4.38 18.57
CA ARG A 272 25.39 5.66 18.25
C ARG A 272 24.41 6.53 17.46
N LEU A 273 23.77 5.92 16.47
CA LEU A 273 22.78 6.59 15.63
C LEU A 273 21.66 7.08 16.52
N MET A 274 21.32 6.26 17.51
CA MET A 274 20.27 6.59 18.46
C MET A 274 20.63 7.85 19.23
N ALA A 275 21.81 7.83 19.84
CA ALA A 275 22.28 8.97 20.60
C ALA A 275 22.28 10.24 19.76
N GLU A 276 22.61 10.12 18.49
CA GLU A 276 22.66 11.28 17.60
C GLU A 276 21.27 11.86 17.34
N CYS A 277 20.28 10.99 17.21
CA CYS A 277 18.92 11.44 16.97
C CYS A 277 18.34 12.09 18.22
N LEU A 278 18.88 11.73 19.38
CA LEU A 278 18.39 12.26 20.64
C LEU A 278 19.15 13.47 21.15
N LYS A 279 20.09 13.99 20.36
CA LYS A 279 20.86 15.15 20.79
C LYS A 279 19.91 16.25 21.30
N LYS A 280 20.26 16.88 22.42
CA LYS A 280 19.45 17.95 22.98
C LYS A 280 19.43 19.17 22.05
N LYS A 281 20.57 19.45 21.41
CA LYS A 281 20.69 20.56 20.48
C LYS A 281 20.16 20.17 19.09
N ARG A 282 18.94 20.60 18.80
CA ARG A 282 18.28 20.32 17.54
C ARG A 282 19.17 20.21 16.31
N ASP A 283 20.02 21.22 16.07
CA ASP A 283 20.87 21.21 14.89
C ASP A 283 21.99 20.18 14.81
N GLU A 284 22.13 19.35 15.83
CA GLU A 284 23.15 18.32 15.79
C GLU A 284 22.60 16.94 15.42
N ARG A 285 21.28 16.85 15.28
CA ARG A 285 20.65 15.58 14.92
C ARG A 285 20.77 15.36 13.42
N PRO A 286 20.96 14.11 12.97
CA PRO A 286 21.07 13.87 11.53
C PRO A 286 19.68 13.88 10.87
N LEU A 287 19.62 14.12 9.57
CA LEU A 287 18.35 14.09 8.87
C LEU A 287 18.14 12.68 8.34
N PHE A 288 16.89 12.32 8.02
CA PHE A 288 16.63 10.97 7.59
C PHE A 288 17.46 10.40 6.43
N PRO A 289 17.88 11.25 5.48
CA PRO A 289 18.67 10.62 4.42
C PRO A 289 19.93 9.97 5.00
N GLN A 290 20.55 10.65 5.95
CA GLN A 290 21.76 10.13 6.59
C GLN A 290 21.41 9.00 7.56
N ILE A 291 20.28 9.13 8.25
CA ILE A 291 19.85 8.11 9.19
C ILE A 291 19.57 6.86 8.39
N LEU A 292 19.02 7.06 7.20
CA LEU A 292 18.68 5.94 6.33
C LEU A 292 19.96 5.28 5.86
N ALA A 293 20.93 6.10 5.47
CA ALA A 293 22.20 5.55 4.99
C ALA A 293 22.89 4.75 6.09
N SER A 294 22.86 5.25 7.33
CA SER A 294 23.49 4.55 8.43
C SER A 294 22.84 3.22 8.76
N ILE A 295 21.52 3.22 8.90
CA ILE A 295 20.83 1.97 9.24
C ILE A 295 21.10 0.92 8.18
N GLU A 296 21.02 1.31 6.92
CA GLU A 296 21.25 0.38 5.82
C GLU A 296 22.69 -0.14 5.80
N LEU A 297 23.62 0.67 6.29
CA LEU A 297 25.01 0.27 6.32
C LEU A 297 25.26 -0.73 7.44
N LEU A 298 24.87 -0.39 8.67
CA LEU A 298 25.07 -1.27 9.79
C LEU A 298 24.27 -2.56 9.63
N ALA A 299 23.39 -2.60 8.65
CA ALA A 299 22.57 -3.79 8.43
C ALA A 299 23.29 -4.80 7.55
N ARG A 300 24.09 -4.29 6.63
CA ARG A 300 24.84 -5.14 5.71
C ARG A 300 26.00 -5.88 6.37
N SER A 301 26.41 -5.41 7.55
CA SER A 301 27.52 -6.04 8.26
C SER A 301 27.09 -6.62 9.60
N LEU A 302 25.86 -7.12 9.67
CA LEU A 302 25.32 -7.72 10.88
C LEU A 302 25.68 -9.21 10.95
N PRO A 303 25.73 -9.78 12.15
CA PRO A 303 26.04 -11.19 12.34
C PRO A 303 25.21 -12.13 11.46
N LYS A 304 25.71 -13.35 11.28
CA LYS A 304 25.05 -14.37 10.48
C LYS A 304 24.77 -15.60 11.34
N ASP B 29 -0.41 19.19 -5.73
CA ASP B 29 -1.20 18.03 -6.25
C ASP B 29 -0.55 17.45 -7.52
N ASP B 30 0.76 17.25 -7.45
CA ASP B 30 1.53 16.70 -8.57
C ASP B 30 2.25 15.40 -8.21
N TRP B 31 2.27 14.49 -9.17
CA TRP B 31 2.92 13.21 -8.99
C TRP B 31 4.18 13.10 -9.82
N GLU B 32 4.62 14.21 -10.37
CA GLU B 32 5.84 14.21 -11.16
C GLU B 32 7.02 14.21 -10.20
N ILE B 33 7.90 13.22 -10.35
CA ILE B 33 9.09 13.08 -9.51
C ILE B 33 10.21 14.03 -9.97
N PRO B 34 10.86 14.73 -9.01
CA PRO B 34 11.93 15.65 -9.41
C PRO B 34 12.95 14.93 -10.29
N ASP B 35 13.55 15.68 -11.22
CA ASP B 35 14.54 15.13 -12.15
C ASP B 35 15.79 14.53 -11.52
N GLY B 36 16.21 13.40 -12.06
CA GLY B 36 17.41 12.73 -11.56
C GLY B 36 17.41 12.27 -10.11
N GLN B 37 16.30 11.70 -9.65
CA GLN B 37 16.23 11.20 -8.28
C GLN B 37 16.12 9.68 -8.33
N ILE B 38 15.66 9.17 -9.46
CA ILE B 38 15.48 7.73 -9.65
C ILE B 38 16.76 7.02 -10.09
N THR B 39 17.19 6.04 -9.30
CA THR B 39 18.36 5.22 -9.62
C THR B 39 17.81 3.92 -10.18
N VAL B 40 18.22 3.56 -11.39
CA VAL B 40 17.74 2.35 -12.05
C VAL B 40 18.72 1.17 -11.96
N GLY B 41 18.20 -0.03 -11.73
CA GLY B 41 19.05 -1.19 -11.61
C GLY B 41 18.76 -2.37 -12.53
N GLN B 42 18.79 -3.57 -11.95
CA GLN B 42 18.54 -4.80 -12.68
C GLN B 42 17.32 -4.78 -13.60
N ARG B 43 17.50 -5.20 -14.84
CA ARG B 43 16.41 -5.26 -15.83
C ARG B 43 15.50 -6.44 -15.52
N ILE B 44 14.20 -6.19 -15.48
CA ILE B 44 13.23 -7.23 -15.17
C ILE B 44 12.50 -7.79 -16.39
N GLY B 45 11.85 -6.93 -17.14
CA GLY B 45 11.13 -7.37 -18.32
C GLY B 45 10.76 -6.22 -19.23
N SER B 46 9.63 -6.33 -19.92
CA SER B 46 9.21 -5.28 -20.84
C SER B 46 7.71 -5.27 -21.16
N GLY B 47 6.90 -4.96 -20.15
CA GLY B 47 5.45 -4.92 -20.36
C GLY B 47 4.98 -3.64 -21.05
N SER B 48 3.77 -3.66 -21.60
CA SER B 48 3.20 -2.50 -22.29
C SER B 48 4.20 -1.78 -23.19
N PHE B 49 4.79 -0.71 -22.68
CA PHE B 49 5.79 0.02 -23.44
C PHE B 49 7.08 0.06 -22.63
N GLY B 50 8.20 0.25 -23.31
CA GLY B 50 9.47 0.31 -22.60
C GLY B 50 9.90 -0.95 -21.86
N THR B 51 10.82 -0.76 -20.92
CA THR B 51 11.38 -1.84 -20.13
C THR B 51 11.19 -1.60 -18.62
N VAL B 52 10.95 -2.67 -17.87
CA VAL B 52 10.78 -2.53 -16.43
C VAL B 52 12.09 -2.85 -15.71
N TYR B 53 12.40 -2.10 -14.67
CA TYR B 53 13.62 -2.33 -13.91
C TYR B 53 13.37 -2.22 -12.43
N LYS B 54 14.23 -2.86 -11.64
CA LYS B 54 14.16 -2.75 -10.20
C LYS B 54 15.01 -1.52 -9.97
N GLY B 55 14.49 -0.54 -9.26
CA GLY B 55 15.28 0.67 -9.04
C GLY B 55 15.18 1.20 -7.63
N LYS B 56 15.66 2.43 -7.44
CA LYS B 56 15.68 3.08 -6.14
C LYS B 56 15.05 4.48 -6.15
N TRP B 57 14.18 4.72 -5.18
CA TRP B 57 13.53 6.00 -4.98
C TRP B 57 12.77 5.91 -3.66
N HIS B 58 13.43 6.31 -2.58
CA HIS B 58 12.83 6.23 -1.26
C HIS B 58 12.55 4.75 -0.97
N GLY B 59 13.53 3.94 -1.33
CA GLY B 59 13.45 2.50 -1.14
C GLY B 59 13.39 1.82 -2.50
N ASP B 60 13.14 0.51 -2.50
CA ASP B 60 13.03 -0.23 -3.75
C ASP B 60 11.74 0.16 -4.46
N VAL B 61 11.78 0.17 -5.79
CA VAL B 61 10.62 0.53 -6.61
C VAL B 61 10.72 -0.19 -7.94
N ALA B 62 9.64 -0.14 -8.69
CA ALA B 62 9.64 -0.73 -10.02
C ALA B 62 9.67 0.47 -10.95
N VAL B 63 10.48 0.41 -12.00
CA VAL B 63 10.55 1.54 -12.91
C VAL B 63 10.33 1.08 -14.34
N LYS B 64 9.29 1.62 -14.97
CA LYS B 64 8.96 1.29 -16.35
C LYS B 64 9.43 2.45 -17.22
N MET B 65 10.63 2.32 -17.80
CA MET B 65 11.21 3.37 -18.64
C MET B 65 11.02 3.20 -20.14
N LEU B 66 11.64 4.11 -20.88
CA LEU B 66 11.63 4.11 -22.35
C LEU B 66 13.08 4.21 -22.80
N ASN B 67 13.56 3.17 -23.47
CA ASN B 67 14.94 3.10 -23.94
C ASN B 67 15.38 4.24 -24.86
N VAL B 68 14.44 4.79 -25.63
CA VAL B 68 14.75 5.87 -26.56
C VAL B 68 14.69 7.27 -25.91
N THR B 69 15.55 8.17 -26.40
CA THR B 69 15.60 9.54 -25.89
C THR B 69 14.63 10.42 -26.66
N ALA B 70 14.10 9.87 -27.76
CA ALA B 70 13.13 10.55 -28.60
C ALA B 70 11.80 9.82 -28.40
N PRO B 71 11.02 10.24 -27.40
CA PRO B 71 9.73 9.65 -27.05
C PRO B 71 8.69 9.46 -28.16
N THR B 72 9.02 9.82 -29.39
CA THR B 72 8.10 9.68 -30.53
C THR B 72 6.70 10.23 -30.21
N PRO B 73 5.72 10.04 -31.12
CA PRO B 73 4.37 10.55 -30.85
C PRO B 73 3.47 9.67 -30.00
N GLN B 74 3.07 8.52 -30.54
CA GLN B 74 2.16 7.64 -29.81
C GLN B 74 2.77 6.88 -28.63
N GLN B 75 4.04 7.15 -28.33
CA GLN B 75 4.68 6.52 -27.17
C GLN B 75 4.43 7.47 -26.01
N LEU B 76 4.37 8.76 -26.34
CA LEU B 76 4.12 9.79 -25.35
C LEU B 76 2.63 9.79 -25.02
N GLN B 77 1.86 9.03 -25.80
CA GLN B 77 0.43 8.94 -25.59
C GLN B 77 0.10 7.75 -24.70
N ALA B 78 0.71 6.61 -25.00
CA ALA B 78 0.49 5.40 -24.22
C ALA B 78 1.02 5.67 -22.80
N PHE B 79 2.00 6.55 -22.72
CA PHE B 79 2.59 6.93 -21.45
C PHE B 79 1.59 7.73 -20.62
N LYS B 80 1.07 8.80 -21.20
CA LYS B 80 0.11 9.65 -20.51
C LYS B 80 -1.18 8.90 -20.17
N ASN B 81 -1.47 7.87 -20.95
CA ASN B 81 -2.68 7.09 -20.72
C ASN B 81 -2.54 6.25 -19.47
N GLU B 82 -1.39 5.60 -19.32
CA GLU B 82 -1.16 4.76 -18.16
C GLU B 82 -1.18 5.61 -16.90
N VAL B 83 -0.30 6.61 -16.85
CA VAL B 83 -0.26 7.50 -15.70
C VAL B 83 -1.67 8.00 -15.35
N GLY B 84 -2.44 8.32 -16.38
CA GLY B 84 -3.79 8.82 -16.19
C GLY B 84 -4.72 7.87 -15.47
N VAL B 85 -4.52 6.57 -15.71
CA VAL B 85 -5.34 5.55 -15.07
C VAL B 85 -4.75 5.23 -13.70
N LEU B 86 -3.46 4.93 -13.68
CA LEU B 86 -2.75 4.61 -12.44
C LEU B 86 -2.98 5.65 -11.36
N ARG B 87 -2.93 6.91 -11.72
CA ARG B 87 -3.11 7.97 -10.72
C ARG B 87 -4.53 8.08 -10.15
N LYS B 88 -5.45 7.27 -10.64
CA LYS B 88 -6.81 7.32 -10.11
C LYS B 88 -7.01 6.14 -9.18
N THR B 89 -5.93 5.43 -8.87
CA THR B 89 -6.05 4.26 -8.02
C THR B 89 -5.26 4.30 -6.69
N ARG B 90 -5.97 3.98 -5.60
CA ARG B 90 -5.44 3.94 -4.25
C ARG B 90 -6.19 2.82 -3.52
N HIS B 91 -5.70 1.61 -3.68
CA HIS B 91 -6.36 0.47 -3.06
C HIS B 91 -5.32 -0.61 -2.81
N VAL B 92 -5.39 -1.23 -1.64
CA VAL B 92 -4.43 -2.25 -1.25
C VAL B 92 -4.25 -3.40 -2.25
N ASN B 93 -5.24 -3.64 -3.09
CA ASN B 93 -5.12 -4.71 -4.07
C ASN B 93 -4.72 -4.29 -5.47
N ILE B 94 -4.42 -3.01 -5.64
CA ILE B 94 -3.98 -2.50 -6.93
C ILE B 94 -2.53 -2.04 -6.77
N LEU B 95 -1.64 -2.50 -7.64
CA LEU B 95 -0.23 -2.12 -7.59
C LEU B 95 -0.15 -0.61 -7.30
N LEU B 96 0.72 -0.21 -6.37
CA LEU B 96 0.82 1.20 -6.00
C LEU B 96 1.59 2.16 -6.91
N PHE B 97 0.85 3.03 -7.58
CA PHE B 97 1.49 4.02 -8.43
C PHE B 97 2.14 5.03 -7.49
N MET B 98 3.41 5.34 -7.71
CA MET B 98 4.11 6.28 -6.83
C MET B 98 4.43 7.62 -7.48
N GLY B 99 4.65 7.62 -8.79
CA GLY B 99 4.96 8.85 -9.49
C GLY B 99 5.50 8.60 -10.88
N TYR B 100 5.65 9.66 -11.66
CA TYR B 100 6.18 9.53 -13.01
C TYR B 100 7.29 10.52 -13.23
N SER B 101 8.01 10.37 -14.34
CA SER B 101 9.09 11.28 -14.67
C SER B 101 9.24 11.43 -16.18
N THR B 102 9.82 12.56 -16.57
CA THR B 102 10.08 12.86 -17.97
C THR B 102 11.59 13.05 -18.06
N LYS B 103 12.21 13.13 -16.88
CA LYS B 103 13.67 13.25 -16.64
C LYS B 103 14.45 13.03 -17.93
N PRO B 104 15.41 12.08 -17.96
CA PRO B 104 16.04 11.99 -19.28
C PRO B 104 15.11 11.15 -20.16
N GLN B 105 14.38 10.23 -19.51
CA GLN B 105 13.45 9.36 -20.21
C GLN B 105 12.11 9.30 -19.46
N LEU B 106 11.05 9.01 -20.19
CA LEU B 106 9.71 8.89 -19.61
C LEU B 106 9.78 7.71 -18.66
N ALA B 107 9.19 7.83 -17.48
CA ALA B 107 9.24 6.74 -16.54
C ALA B 107 8.13 6.71 -15.51
N ILE B 108 7.48 5.56 -15.40
CA ILE B 108 6.43 5.40 -14.43
C ILE B 108 7.07 4.61 -13.30
N VAL B 109 6.90 5.09 -12.07
CA VAL B 109 7.46 4.43 -10.89
C VAL B 109 6.36 3.85 -10.02
N THR B 110 6.49 2.57 -9.66
CA THR B 110 5.50 1.93 -8.80
C THR B 110 6.22 1.22 -7.66
N GLN B 111 5.46 0.82 -6.65
CA GLN B 111 6.03 0.13 -5.51
C GLN B 111 6.73 -1.12 -6.03
N TRP B 112 7.63 -1.69 -5.24
CA TRP B 112 8.31 -2.91 -5.65
C TRP B 112 7.71 -4.10 -4.93
N CYS B 113 7.12 -5.02 -5.69
CA CYS B 113 6.50 -6.20 -5.11
C CYS B 113 7.50 -7.31 -4.84
N GLU B 114 7.51 -7.80 -3.62
CA GLU B 114 8.41 -8.87 -3.24
C GLU B 114 7.71 -10.22 -3.37
N GLY B 115 8.18 -11.05 -4.30
CA GLY B 115 7.57 -12.35 -4.49
C GLY B 115 7.46 -12.68 -5.97
N SER B 116 6.40 -13.38 -6.36
CA SER B 116 6.22 -13.75 -7.75
C SER B 116 4.78 -13.52 -8.17
N SER B 117 4.53 -13.59 -9.47
CA SER B 117 3.19 -13.42 -9.98
C SER B 117 2.46 -14.75 -9.75
N LEU B 118 1.12 -14.70 -9.74
CA LEU B 118 0.32 -15.91 -9.55
C LEU B 118 0.60 -16.93 -10.66
N TYR B 119 0.86 -16.43 -11.86
CA TYR B 119 1.18 -17.31 -12.99
C TYR B 119 2.44 -18.10 -12.69
N HIS B 120 3.46 -17.41 -12.23
CA HIS B 120 4.73 -18.05 -11.91
C HIS B 120 4.55 -19.10 -10.81
N HIS B 121 3.75 -18.79 -9.80
CA HIS B 121 3.51 -19.71 -8.69
C HIS B 121 2.78 -20.96 -9.18
N LEU B 122 1.72 -20.76 -9.94
CA LEU B 122 0.92 -21.87 -10.44
C LEU B 122 1.52 -22.72 -11.57
N HIS B 123 2.26 -22.09 -12.47
CA HIS B 123 2.78 -22.84 -13.61
C HIS B 123 4.28 -22.94 -13.84
N ILE B 124 5.09 -22.38 -12.95
CA ILE B 124 6.53 -22.47 -13.16
C ILE B 124 7.23 -23.16 -11.99
N ILE B 125 6.93 -22.73 -10.77
CA ILE B 125 7.52 -23.34 -9.59
C ILE B 125 6.49 -24.22 -8.93
N GLU B 126 5.33 -24.32 -9.57
CA GLU B 126 4.22 -25.13 -9.10
C GLU B 126 4.05 -25.15 -7.58
N THR B 127 3.75 -23.98 -7.02
CA THR B 127 3.53 -23.82 -5.60
C THR B 127 2.22 -24.52 -5.23
N LYS B 128 2.20 -25.16 -4.06
CA LYS B 128 1.01 -25.87 -3.62
C LYS B 128 0.24 -25.08 -2.58
N PHE B 129 -0.68 -24.25 -3.04
CA PHE B 129 -1.51 -23.42 -2.17
C PHE B 129 -2.67 -24.21 -1.58
N GLU B 130 -3.01 -23.93 -0.34
CA GLU B 130 -4.15 -24.60 0.30
C GLU B 130 -5.41 -24.02 -0.32
N MET B 131 -6.53 -24.69 -0.10
CA MET B 131 -7.77 -24.21 -0.67
C MET B 131 -8.19 -22.88 -0.03
N ILE B 132 -7.89 -22.74 1.27
CA ILE B 132 -8.25 -21.51 1.99
C ILE B 132 -7.55 -20.34 1.31
N LYS B 133 -6.24 -20.47 1.12
CA LYS B 133 -5.41 -19.46 0.50
C LYS B 133 -5.83 -19.21 -0.94
N LEU B 134 -6.29 -20.26 -1.63
CA LEU B 134 -6.73 -20.08 -3.01
C LEU B 134 -8.02 -19.23 -3.04
N ILE B 135 -8.94 -19.53 -2.13
CA ILE B 135 -10.19 -18.77 -2.05
C ILE B 135 -9.87 -17.30 -1.75
N ASP B 136 -8.95 -17.08 -0.82
CA ASP B 136 -8.56 -15.71 -0.44
C ASP B 136 -7.89 -14.91 -1.57
N ILE B 137 -7.08 -15.58 -2.38
CA ILE B 137 -6.43 -14.92 -3.50
C ILE B 137 -7.47 -14.49 -4.53
N ALA B 138 -8.52 -15.29 -4.69
CA ALA B 138 -9.56 -14.97 -5.67
C ALA B 138 -10.36 -13.80 -5.13
N ARG B 139 -10.52 -13.79 -3.81
CA ARG B 139 -11.27 -12.74 -3.13
C ARG B 139 -10.57 -11.40 -3.34
N GLN B 140 -9.32 -11.32 -2.90
CA GLN B 140 -8.56 -10.09 -3.05
C GLN B 140 -8.54 -9.59 -4.51
N THR B 141 -8.38 -10.50 -5.46
CA THR B 141 -8.35 -10.13 -6.87
C THR B 141 -9.65 -9.46 -7.26
N ALA B 142 -10.76 -10.05 -6.82
CA ALA B 142 -12.07 -9.50 -7.12
C ALA B 142 -12.21 -8.17 -6.39
N GLN B 143 -11.69 -8.12 -5.17
CA GLN B 143 -11.74 -6.91 -4.37
C GLN B 143 -11.12 -5.84 -5.26
N GLY B 144 -9.94 -6.14 -5.78
CA GLY B 144 -9.23 -5.21 -6.63
C GLY B 144 -9.98 -4.81 -7.90
N MET B 145 -10.56 -5.80 -8.57
CA MET B 145 -11.31 -5.56 -9.79
C MET B 145 -12.55 -4.72 -9.50
N ASP B 146 -13.23 -5.03 -8.40
CA ASP B 146 -14.42 -4.28 -8.03
C ASP B 146 -14.07 -2.80 -7.92
N TYR B 147 -12.90 -2.52 -7.36
CA TYR B 147 -12.45 -1.15 -7.21
C TYR B 147 -12.23 -0.49 -8.57
N LEU B 148 -11.43 -1.13 -9.43
CA LEU B 148 -11.16 -0.56 -10.74
C LEU B 148 -12.45 -0.23 -11.49
N HIS B 149 -13.41 -1.13 -11.43
CA HIS B 149 -14.68 -0.91 -12.13
C HIS B 149 -15.51 0.21 -11.54
N ALA B 150 -15.41 0.40 -10.22
CA ALA B 150 -16.14 1.47 -9.56
C ALA B 150 -15.65 2.80 -10.13
N LYS B 151 -14.36 2.83 -10.49
CA LYS B 151 -13.73 4.02 -11.07
C LYS B 151 -13.85 4.02 -12.59
N SER B 152 -14.73 3.17 -13.11
CA SER B 152 -14.93 3.06 -14.55
C SER B 152 -13.65 2.72 -15.31
N ILE B 153 -12.86 1.83 -14.73
CA ILE B 153 -11.63 1.41 -15.35
C ILE B 153 -11.79 -0.02 -15.82
N ILE B 154 -11.42 -0.27 -17.06
CA ILE B 154 -11.50 -1.60 -17.60
C ILE B 154 -10.05 -2.02 -17.83
N HIS B 155 -9.63 -3.08 -17.14
CA HIS B 155 -8.26 -3.56 -17.23
C HIS B 155 -7.87 -3.94 -18.64
N ARG B 156 -8.66 -4.83 -19.22
CA ARG B 156 -8.47 -5.32 -20.59
C ARG B 156 -7.35 -6.31 -20.85
N ASP B 157 -6.74 -6.83 -19.77
CA ASP B 157 -5.67 -7.81 -19.92
C ASP B 157 -5.40 -8.48 -18.58
N LEU B 158 -6.45 -8.66 -17.81
CA LEU B 158 -6.30 -9.34 -16.53
C LEU B 158 -5.93 -10.80 -16.81
N LYS B 159 -4.83 -11.24 -16.23
CA LYS B 159 -4.37 -12.62 -16.39
C LYS B 159 -3.45 -12.92 -15.22
N SER B 160 -3.33 -14.18 -14.86
CA SER B 160 -2.52 -14.57 -13.72
C SER B 160 -1.10 -14.00 -13.69
N ASN B 161 -0.62 -13.48 -14.80
CA ASN B 161 0.73 -12.93 -14.79
C ASN B 161 0.75 -11.47 -14.35
N ASN B 162 -0.40 -10.81 -14.38
CA ASN B 162 -0.46 -9.42 -13.95
C ASN B 162 -1.00 -9.36 -12.52
N ILE B 163 -1.09 -10.52 -11.89
CA ILE B 163 -1.55 -10.57 -10.51
C ILE B 163 -0.37 -10.98 -9.62
N PHE B 164 0.10 -10.04 -8.82
CA PHE B 164 1.24 -10.31 -7.97
C PHE B 164 0.90 -10.65 -6.52
N LEU B 165 1.56 -11.67 -6.00
CA LEU B 165 1.37 -12.07 -4.62
C LEU B 165 2.47 -11.43 -3.80
N HIS B 166 2.25 -10.19 -3.40
CA HIS B 166 3.23 -9.44 -2.63
C HIS B 166 3.51 -10.10 -1.28
N GLU B 167 4.79 -10.39 -1.01
CA GLU B 167 5.17 -11.02 0.24
C GLU B 167 4.38 -12.31 0.47
N ASP B 168 4.17 -13.05 -0.60
CA ASP B 168 3.43 -14.32 -0.58
C ASP B 168 2.00 -14.23 -0.04
N LEU B 169 1.57 -13.01 0.29
CA LEU B 169 0.20 -12.79 0.74
C LEU B 169 -0.13 -11.35 0.40
N THR B 170 -1.29 -11.13 -0.19
CA THR B 170 -1.77 -9.81 -0.63
C THR B 170 -1.63 -9.68 -2.14
N VAL B 171 -2.77 -9.67 -2.82
CA VAL B 171 -2.79 -9.56 -4.26
C VAL B 171 -2.64 -8.13 -4.72
N LYS B 172 -1.80 -7.94 -5.72
CA LYS B 172 -1.58 -6.63 -6.28
C LYS B 172 -1.83 -6.77 -7.78
N ILE B 173 -2.90 -6.17 -8.28
CA ILE B 173 -3.16 -6.26 -9.71
C ILE B 173 -2.23 -5.26 -10.36
N GLY B 174 -1.58 -5.67 -11.45
CA GLY B 174 -0.67 -4.76 -12.10
C GLY B 174 -0.87 -4.59 -13.60
N ASP B 175 0.14 -3.96 -14.20
CA ASP B 175 0.21 -3.69 -15.62
C ASP B 175 -1.06 -3.10 -16.24
N PHE B 176 -1.07 -1.78 -16.35
CA PHE B 176 -2.19 -1.08 -16.94
C PHE B 176 -1.71 -0.48 -18.27
N GLY B 177 -2.11 0.74 -18.54
CA GLY B 177 -1.69 1.36 -19.79
C GLY B 177 -2.59 0.83 -20.87
N LEU B 178 -2.53 -0.48 -21.08
CA LEU B 178 -3.40 -1.10 -22.05
C LEU B 178 -4.81 -0.89 -21.49
N ALA B 179 -4.86 -0.45 -20.22
CA ALA B 179 -6.10 -0.19 -19.51
C ALA B 179 -6.69 1.18 -19.83
N THR B 180 -8.01 1.22 -20.01
CA THR B 180 -8.71 2.47 -20.32
C THR B 180 -9.82 2.73 -19.30
N VAL B 181 -10.29 3.97 -19.26
CA VAL B 181 -11.36 4.36 -18.36
C VAL B 181 -12.47 5.04 -19.14
N LYS B 182 -13.64 4.41 -19.22
CA LYS B 182 -14.78 4.97 -19.93
C LYS B 182 -14.48 5.18 -21.42
N SER B 183 -15.50 5.49 -22.20
CA SER B 183 -15.36 5.72 -23.63
C SER B 183 -14.54 7.00 -23.89
N SER B 195 2.88 -10.58 -29.43
CA SER B 195 2.62 -11.50 -28.33
C SER B 195 1.14 -11.87 -28.25
N GLY B 196 0.78 -12.66 -27.24
CA GLY B 196 -0.60 -13.08 -27.08
C GLY B 196 -1.00 -13.40 -25.66
N SER B 197 -2.29 -13.23 -25.39
CA SER B 197 -2.88 -13.49 -24.08
C SER B 197 -4.27 -14.04 -24.37
N ILE B 198 -4.36 -14.84 -25.42
CA ILE B 198 -5.65 -15.37 -25.84
C ILE B 198 -6.37 -16.27 -24.85
N LEU B 199 -5.61 -16.95 -23.99
CA LEU B 199 -6.21 -17.84 -23.01
C LEU B 199 -7.21 -17.11 -22.10
N TRP B 200 -6.97 -15.83 -21.84
CA TRP B 200 -7.84 -15.06 -20.98
C TRP B 200 -8.89 -14.20 -21.70
N MET B 201 -8.83 -14.18 -23.04
CA MET B 201 -9.76 -13.41 -23.86
C MET B 201 -11.14 -13.98 -24.02
N ALA B 202 -12.15 -13.18 -23.72
CA ALA B 202 -13.53 -13.62 -23.85
C ALA B 202 -13.85 -13.82 -25.33
N PRO B 203 -14.83 -14.67 -25.65
CA PRO B 203 -15.19 -14.93 -27.05
C PRO B 203 -15.42 -13.66 -27.88
N GLU B 204 -16.17 -12.69 -27.32
CA GLU B 204 -16.44 -11.47 -28.08
C GLU B 204 -15.17 -10.69 -28.39
N VAL B 205 -14.20 -10.73 -27.48
CA VAL B 205 -12.94 -10.01 -27.70
C VAL B 205 -12.20 -10.64 -28.86
N ILE B 206 -12.15 -11.97 -28.89
CA ILE B 206 -11.48 -12.70 -29.97
C ILE B 206 -12.13 -12.40 -31.32
N ARG B 207 -13.45 -12.35 -31.33
CA ARG B 207 -14.17 -12.08 -32.55
C ARG B 207 -13.94 -10.68 -33.13
N MET B 208 -13.79 -9.68 -32.26
CA MET B 208 -13.59 -8.31 -32.72
C MET B 208 -14.72 -7.93 -33.69
N GLN B 209 -15.95 -8.23 -33.26
CA GLN B 209 -17.15 -7.95 -34.04
C GLN B 209 -17.72 -6.60 -33.63
N ASP B 210 -16.93 -5.83 -32.89
CA ASP B 210 -17.32 -4.51 -32.42
C ASP B 210 -16.13 -3.55 -32.52
N LYS B 211 -14.93 -4.11 -32.45
CA LYS B 211 -13.69 -3.33 -32.49
C LYS B 211 -13.52 -2.65 -31.12
N ASN B 212 -14.54 -2.86 -30.27
CA ASN B 212 -14.61 -2.33 -28.90
C ASN B 212 -15.40 -3.35 -28.07
N PRO B 213 -15.06 -4.64 -28.20
CA PRO B 213 -15.76 -5.70 -27.46
C PRO B 213 -15.38 -5.74 -25.99
N TYR B 214 -14.54 -4.80 -25.57
CA TYR B 214 -14.07 -4.73 -24.19
C TYR B 214 -15.11 -4.10 -23.29
N SER B 215 -15.25 -4.65 -22.09
CA SER B 215 -16.22 -4.15 -21.13
C SER B 215 -15.95 -4.78 -19.79
N PHE B 216 -16.78 -4.47 -18.80
CA PHE B 216 -16.61 -5.06 -17.50
C PHE B 216 -16.76 -6.56 -17.63
N GLN B 217 -17.69 -6.98 -18.49
CA GLN B 217 -17.93 -8.39 -18.70
C GLN B 217 -16.72 -9.15 -19.22
N SER B 218 -15.94 -8.53 -20.11
CA SER B 218 -14.77 -9.23 -20.64
C SER B 218 -13.69 -9.29 -19.56
N ASP B 219 -13.72 -8.35 -18.63
CA ASP B 219 -12.77 -8.37 -17.52
C ASP B 219 -13.20 -9.52 -16.64
N VAL B 220 -14.52 -9.66 -16.47
CA VAL B 220 -15.05 -10.73 -15.65
C VAL B 220 -14.70 -12.12 -16.18
N TYR B 221 -14.72 -12.24 -17.50
CA TYR B 221 -14.40 -13.50 -18.12
C TYR B 221 -12.94 -13.87 -17.78
N ALA B 222 -12.02 -12.93 -17.97
CA ALA B 222 -10.63 -13.22 -17.67
C ALA B 222 -10.48 -13.66 -16.20
N PHE B 223 -11.23 -13.04 -15.31
CA PHE B 223 -11.19 -13.41 -13.90
C PHE B 223 -11.66 -14.86 -13.79
N GLY B 224 -12.62 -15.23 -14.63
CA GLY B 224 -13.09 -16.60 -14.64
C GLY B 224 -11.93 -17.54 -14.99
N ILE B 225 -11.16 -17.17 -16.01
CA ILE B 225 -10.03 -18.01 -16.40
C ILE B 225 -9.00 -18.03 -15.27
N VAL B 226 -8.87 -16.93 -14.54
CA VAL B 226 -7.95 -16.91 -13.43
C VAL B 226 -8.48 -17.89 -12.37
N LEU B 227 -9.78 -17.85 -12.09
CA LEU B 227 -10.36 -18.78 -11.11
C LEU B 227 -10.03 -20.22 -11.51
N TYR B 228 -10.15 -20.51 -12.81
CA TYR B 228 -9.86 -21.83 -13.32
C TYR B 228 -8.45 -22.26 -12.94
N GLU B 229 -7.49 -21.35 -13.10
CA GLU B 229 -6.11 -21.67 -12.77
C GLU B 229 -5.95 -22.06 -11.30
N LEU B 230 -6.40 -21.20 -10.40
CA LEU B 230 -6.30 -21.45 -8.97
C LEU B 230 -6.95 -22.77 -8.60
N MET B 231 -8.15 -22.98 -9.11
CA MET B 231 -8.94 -24.17 -8.83
C MET B 231 -8.51 -25.49 -9.47
N THR B 232 -7.69 -25.42 -10.52
CA THR B 232 -7.22 -26.63 -11.21
C THR B 232 -5.71 -26.68 -11.24
N GLY B 233 -5.08 -25.53 -11.04
CA GLY B 233 -3.64 -25.47 -11.06
C GLY B 233 -3.03 -25.54 -12.44
N GLN B 234 -3.86 -25.42 -13.48
CA GLN B 234 -3.36 -25.50 -14.84
C GLN B 234 -3.98 -24.46 -15.76
N LEU B 235 -3.32 -24.24 -16.88
CA LEU B 235 -3.82 -23.30 -17.89
C LEU B 235 -4.83 -24.11 -18.69
N PRO B 236 -5.87 -23.44 -19.23
CA PRO B 236 -6.94 -24.07 -20.03
C PRO B 236 -6.44 -24.61 -21.37
N TYR B 237 -7.10 -25.67 -21.83
CA TYR B 237 -6.80 -26.29 -23.12
C TYR B 237 -5.40 -26.85 -23.24
N SER B 238 -4.85 -27.36 -22.16
CA SER B 238 -3.48 -27.87 -22.20
C SER B 238 -3.32 -29.05 -23.12
N ASN B 239 -4.44 -29.60 -23.62
CA ASN B 239 -4.38 -30.75 -24.50
C ASN B 239 -4.46 -30.39 -25.99
N ILE B 240 -4.49 -29.10 -26.28
CA ILE B 240 -4.55 -28.62 -27.65
C ILE B 240 -3.23 -27.89 -27.87
N ASN B 241 -2.44 -28.32 -28.85
CA ASN B 241 -1.15 -27.69 -29.10
C ASN B 241 -1.13 -26.63 -30.20
N ASN B 242 -2.28 -26.27 -30.74
CA ASN B 242 -2.33 -25.27 -31.81
C ASN B 242 -3.13 -24.04 -31.39
N ARG B 243 -2.40 -22.95 -31.15
CA ARG B 243 -2.98 -21.69 -30.70
C ARG B 243 -4.08 -21.16 -31.60
N ASP B 244 -3.84 -21.16 -32.89
CA ASP B 244 -4.82 -20.67 -33.84
C ASP B 244 -6.11 -21.44 -33.72
N GLN B 245 -5.99 -22.74 -33.48
CA GLN B 245 -7.19 -23.55 -33.32
C GLN B 245 -7.90 -23.07 -32.06
N ILE B 246 -7.14 -22.87 -30.99
CA ILE B 246 -7.70 -22.40 -29.73
C ILE B 246 -8.44 -21.09 -29.95
N ILE B 247 -7.77 -20.15 -30.60
CA ILE B 247 -8.37 -18.85 -30.90
C ILE B 247 -9.66 -19.00 -31.70
N PHE B 248 -9.60 -19.75 -32.79
CA PHE B 248 -10.77 -19.96 -33.63
C PHE B 248 -11.95 -20.55 -32.87
N MET B 249 -11.72 -21.64 -32.16
CA MET B 249 -12.78 -22.29 -31.43
C MET B 249 -13.40 -21.57 -30.25
N VAL B 250 -12.59 -20.80 -29.50
CA VAL B 250 -13.19 -20.08 -28.38
C VAL B 250 -14.13 -19.04 -28.99
N GLY B 251 -13.64 -18.39 -30.05
CA GLY B 251 -14.42 -17.38 -30.74
C GLY B 251 -15.74 -17.88 -31.31
N ARG B 252 -15.80 -19.12 -31.74
CA ARG B 252 -17.04 -19.67 -32.28
C ARG B 252 -17.90 -20.32 -31.19
N GLY B 253 -17.35 -20.39 -29.98
CA GLY B 253 -18.06 -21.01 -28.87
C GLY B 253 -18.01 -22.53 -28.91
N TYR B 254 -17.13 -23.09 -29.73
CA TYR B 254 -17.00 -24.55 -29.84
C TYR B 254 -16.18 -25.13 -28.68
N LEU B 255 -15.22 -24.35 -28.21
CA LEU B 255 -14.34 -24.78 -27.11
C LEU B 255 -14.54 -23.87 -25.92
N SER B 256 -14.36 -24.44 -24.73
CA SER B 256 -14.47 -23.69 -23.48
C SER B 256 -13.74 -24.45 -22.37
N PRO B 257 -13.40 -23.77 -21.27
CA PRO B 257 -12.67 -24.45 -20.20
C PRO B 257 -13.43 -25.67 -19.69
N ASP B 258 -12.67 -26.72 -19.39
CA ASP B 258 -13.22 -27.98 -18.88
C ASP B 258 -13.26 -27.92 -17.37
N LEU B 259 -14.43 -27.56 -16.86
CA LEU B 259 -14.65 -27.40 -15.45
C LEU B 259 -14.56 -28.68 -14.61
N SER B 260 -14.76 -29.83 -15.23
CA SER B 260 -14.70 -31.09 -14.51
C SER B 260 -13.31 -31.30 -13.93
N LYS B 261 -12.36 -30.46 -14.36
CA LYS B 261 -10.99 -30.57 -13.88
C LYS B 261 -10.78 -29.91 -12.52
N VAL B 262 -11.80 -29.25 -11.99
CA VAL B 262 -11.64 -28.59 -10.69
C VAL B 262 -11.37 -29.58 -9.55
N ARG B 263 -10.40 -29.25 -8.71
CA ARG B 263 -10.04 -30.09 -7.55
C ARG B 263 -11.29 -30.41 -6.71
N SER B 264 -11.35 -31.66 -6.21
CA SER B 264 -12.48 -32.12 -5.41
C SER B 264 -12.84 -31.21 -4.22
N ASN B 265 -11.83 -30.77 -3.47
CA ASN B 265 -12.08 -29.92 -2.33
C ASN B 265 -12.49 -28.49 -2.71
N CYS B 266 -12.89 -28.31 -3.96
CA CYS B 266 -13.31 -26.99 -4.42
C CYS B 266 -14.79 -26.86 -4.10
N PRO B 267 -15.16 -25.82 -3.35
CA PRO B 267 -16.57 -25.61 -3.00
C PRO B 267 -17.45 -25.54 -4.25
N LYS B 268 -18.61 -26.19 -4.22
CA LYS B 268 -19.52 -26.17 -5.37
C LYS B 268 -19.88 -24.76 -5.75
N ALA B 269 -20.04 -23.89 -4.76
CA ALA B 269 -20.41 -22.51 -5.04
C ALA B 269 -19.31 -21.79 -5.83
N MET B 270 -18.06 -22.20 -5.65
CA MET B 270 -16.95 -21.59 -6.38
C MET B 270 -17.05 -22.06 -7.82
N LYS B 271 -17.15 -23.38 -8.00
CA LYS B 271 -17.27 -23.97 -9.33
C LYS B 271 -18.46 -23.38 -10.08
N ARG B 272 -19.49 -23.01 -9.34
CA ARG B 272 -20.66 -22.42 -9.94
C ARG B 272 -20.34 -20.96 -10.29
N LEU B 273 -19.62 -20.27 -9.42
CA LEU B 273 -19.27 -18.87 -9.68
C LEU B 273 -18.41 -18.80 -10.94
N MET B 274 -17.50 -19.76 -11.03
CA MET B 274 -16.59 -19.87 -12.15
C MET B 274 -17.39 -19.97 -13.46
N ALA B 275 -18.24 -20.97 -13.57
CA ALA B 275 -19.05 -21.17 -14.77
C ALA B 275 -19.82 -19.90 -15.12
N GLU B 276 -20.32 -19.21 -14.10
CA GLU B 276 -21.07 -17.98 -14.31
C GLU B 276 -20.23 -16.93 -15.04
N CYS B 277 -19.01 -16.74 -14.56
CA CYS B 277 -18.09 -15.77 -15.15
C CYS B 277 -17.65 -16.15 -16.54
N LEU B 278 -17.59 -17.44 -16.80
CA LEU B 278 -17.14 -17.94 -18.09
C LEU B 278 -18.24 -18.05 -19.14
N LYS B 279 -19.43 -17.55 -18.86
CA LYS B 279 -20.53 -17.63 -19.83
C LYS B 279 -20.08 -17.12 -21.19
N LYS B 280 -20.28 -17.92 -22.23
CA LYS B 280 -19.88 -17.52 -23.58
C LYS B 280 -20.61 -16.26 -24.00
N LYS B 281 -21.84 -16.12 -23.52
CA LYS B 281 -22.67 -14.98 -23.86
C LYS B 281 -22.38 -13.83 -22.88
N ARG B 282 -21.82 -12.74 -23.39
CA ARG B 282 -21.45 -11.59 -22.58
C ARG B 282 -22.43 -11.19 -21.47
N ASP B 283 -23.58 -10.65 -21.87
CA ASP B 283 -24.58 -10.19 -20.93
C ASP B 283 -25.12 -11.14 -19.86
N GLU B 284 -24.64 -12.37 -19.82
CA GLU B 284 -25.10 -13.32 -18.80
C GLU B 284 -24.12 -13.40 -17.65
N ARG B 285 -22.95 -12.82 -17.85
CA ARG B 285 -21.93 -12.81 -16.82
C ARG B 285 -22.28 -11.81 -15.73
N PRO B 286 -21.98 -12.17 -14.48
CA PRO B 286 -22.25 -11.30 -13.33
C PRO B 286 -21.15 -10.23 -13.22
N LEU B 287 -21.41 -9.18 -12.44
CA LEU B 287 -20.41 -8.14 -12.22
C LEU B 287 -19.72 -8.36 -10.87
N PHE B 288 -18.56 -7.71 -10.68
CA PHE B 288 -17.81 -7.93 -9.45
C PHE B 288 -18.52 -7.69 -8.12
N PRO B 289 -19.37 -6.65 -8.03
CA PRO B 289 -20.05 -6.47 -6.74
C PRO B 289 -20.69 -7.80 -6.35
N GLN B 290 -21.23 -8.50 -7.35
CA GLN B 290 -21.89 -9.78 -7.15
C GLN B 290 -20.83 -10.87 -6.95
N ILE B 291 -19.82 -10.90 -7.82
CA ILE B 291 -18.74 -11.88 -7.71
C ILE B 291 -18.24 -11.84 -6.28
N LEU B 292 -17.89 -10.63 -5.86
CA LEU B 292 -17.36 -10.38 -4.54
C LEU B 292 -18.27 -10.92 -3.42
N ALA B 293 -19.56 -10.68 -3.53
CA ALA B 293 -20.49 -11.16 -2.51
C ALA B 293 -20.47 -12.69 -2.46
N SER B 294 -20.45 -13.32 -3.63
CA SER B 294 -20.45 -14.78 -3.71
C SER B 294 -19.20 -15.38 -3.10
N ILE B 295 -18.04 -14.81 -3.42
CA ILE B 295 -16.78 -15.34 -2.90
C ILE B 295 -16.65 -15.13 -1.40
N GLU B 296 -17.29 -14.09 -0.89
CA GLU B 296 -17.21 -13.81 0.55
C GLU B 296 -18.08 -14.77 1.36
N LEU B 297 -19.24 -15.13 0.81
CA LEU B 297 -20.15 -16.03 1.49
C LEU B 297 -19.61 -17.47 1.49
N LEU B 298 -18.88 -17.85 0.44
CA LEU B 298 -18.33 -19.19 0.38
C LEU B 298 -17.08 -19.28 1.23
N ALA B 299 -16.43 -18.14 1.41
CA ALA B 299 -15.21 -18.08 2.21
C ALA B 299 -15.54 -18.10 3.69
N ARG B 300 -16.60 -17.37 4.06
CA ARG B 300 -17.06 -17.27 5.44
C ARG B 300 -17.38 -18.66 6.00
N SER B 301 -18.00 -19.48 5.17
CA SER B 301 -18.39 -20.83 5.55
C SER B 301 -17.52 -21.87 4.85
N LEU B 302 -16.26 -21.94 5.25
CA LEU B 302 -15.33 -22.89 4.65
C LEU B 302 -14.65 -23.78 5.68
N PRO B 303 -14.04 -23.18 6.72
CA PRO B 303 -13.37 -23.96 7.76
C PRO B 303 -14.23 -25.10 8.31
#